data_2H8M
#
_entry.id   2H8M
#
_cell.length_a   65.32
_cell.length_b   84.50
_cell.length_c   96.08
_cell.angle_alpha   90.00
_cell.angle_beta   90.00
_cell.angle_gamma   90.00
#
_symmetry.space_group_name_H-M   'P 21 21 21'
#
loop_
_entity.id
_entity.type
_entity.pdbx_description
1 polymer Endoplasmin
2 non-polymer (2S,3S,4R,5R)-5-(6-AMINO-2-IODO-9H-PURIN-9-YL)-N-ETHYL-3,4-DIHYDROXYTETRAHYDROFURAN-2-CARBOXAMIDE
3 non-polymer 'TETRAETHYLENE GLYCOL'
4 non-polymer 'PENTAETHYLENE GLYCOL'
5 water water
#
_entity_poly.entity_id   1
_entity_poly.type   'polypeptide(L)'
_entity_poly.pdbx_seq_one_letter_code
;GSHMLREKSEKFAFQAEVNRMMKLIINSLYKNKEIFLRELISNASDALDKIRLISLTDENALAGNEELTVKIKCDKEKNL
LHVTDTGVGMTREELVKNLGTIAKSGTSEFLNKMTEAQEDGQSTSELIGQFGVGFYSAFLVADKVIVTSKHNNDTQHIWE
SDSNEFSVIADPRGNTLGRGTTITLVLKEEASDYLELDTIKNLVKKYSQFINFPIYVWSSKTGGGGKTVWDWELMN
;
_entity_poly.pdbx_strand_id   A,B
#
loop_
_chem_comp.id
_chem_comp.type
_chem_comp.name
_chem_comp.formula
1PE non-polymer 'PENTAETHYLENE GLYCOL' 'C10 H22 O6'
NEI non-polymer (2S,3S,4R,5R)-5-(6-AMINO-2-IODO-9H-PURIN-9-YL)-N-ETHYL-3,4-DIHYDROXYTETRAHYDROFURAN-2-CARBOXAMIDE 'C12 H15 I N6 O4'
PG4 non-polymer 'TETRAETHYLENE GLYCOL' 'C8 H18 O5'
#
# COMPACT_ATOMS: atom_id res chain seq x y z
N GLU A 10 -17.58 -6.89 -6.99
CA GLU A 10 -17.44 -5.42 -7.16
C GLU A 10 -16.15 -4.93 -6.53
N LYS A 11 -15.45 -5.84 -5.85
CA LYS A 11 -14.19 -5.53 -5.18
C LYS A 11 -13.00 -5.90 -6.06
N PHE A 12 -12.00 -5.03 -6.08
CA PHE A 12 -10.80 -5.24 -6.88
C PHE A 12 -9.55 -4.84 -6.12
N ALA A 13 -8.40 -5.38 -6.54
CA ALA A 13 -7.13 -5.04 -5.92
C ALA A 13 -6.38 -4.19 -6.94
N PHE A 14 -5.51 -3.30 -6.47
CA PHE A 14 -4.72 -2.47 -7.38
C PHE A 14 -3.58 -3.30 -7.93
N GLN A 15 -3.15 -2.96 -9.14
CA GLN A 15 -2.03 -3.63 -9.77
C GLN A 15 -0.81 -3.22 -8.92
N ALA A 16 0.15 -4.12 -8.77
CA ALA A 16 1.34 -3.82 -7.97
C ALA A 16 2.01 -2.51 -8.37
N GLU A 17 2.14 -2.27 -9.67
CA GLU A 17 2.76 -1.04 -10.14
C GLU A 17 2.02 0.20 -9.66
N VAL A 18 0.70 0.11 -9.57
CA VAL A 18 -0.09 1.24 -9.11
C VAL A 18 0.15 1.49 -7.62
N ASN A 19 0.35 0.42 -6.85
CA ASN A 19 0.60 0.58 -5.42
C ASN A 19 1.93 1.31 -5.23
N ARG A 20 2.94 0.91 -5.99
CA ARG A 20 4.24 1.54 -5.89
C ARG A 20 4.16 2.99 -6.32
N MET A 21 3.45 3.24 -7.42
N MET A 21 3.44 3.23 -7.41
CA MET A 21 3.29 4.59 -7.94
CA MET A 21 3.27 4.57 -7.95
C MET A 21 2.62 5.52 -6.94
C MET A 21 2.64 5.52 -6.93
N MET A 22 1.58 5.04 -6.27
CA MET A 22 0.89 5.87 -5.28
C MET A 22 1.84 6.25 -4.16
N LYS A 23 2.65 5.29 -3.72
CA LYS A 23 3.61 5.55 -2.65
C LYS A 23 4.67 6.57 -3.06
N LEU A 24 5.17 6.44 -4.29
CA LEU A 24 6.18 7.37 -4.79
C LEU A 24 5.63 8.79 -4.84
N ILE A 25 4.43 8.93 -5.39
CA ILE A 25 3.79 10.24 -5.49
C ILE A 25 3.58 10.86 -4.11
N ILE A 26 3.03 10.07 -3.19
CA ILE A 26 2.77 10.55 -1.85
C ILE A 26 4.03 10.94 -1.09
N ASN A 27 5.11 10.18 -1.27
CA ASN A 27 6.36 10.48 -0.58
C ASN A 27 7.11 11.63 -1.24
N SER A 28 6.89 11.84 -2.53
N SER A 28 6.89 11.84 -2.53
CA SER A 28 7.55 12.89 -3.28
CA SER A 28 7.57 12.90 -3.27
C SER A 28 6.91 14.27 -3.15
C SER A 28 6.91 14.28 -3.16
N LEU A 29 5.59 14.30 -3.00
CA LEU A 29 4.86 15.56 -2.91
C LEU A 29 4.32 15.94 -1.53
N TYR A 30 4.80 15.29 -0.48
CA TYR A 30 4.34 15.59 0.87
C TYR A 30 4.52 17.06 1.26
N LYS A 31 5.49 17.72 0.63
CA LYS A 31 5.78 19.13 0.92
C LYS A 31 4.87 20.11 0.19
N ASN A 32 4.35 19.70 -0.96
CA ASN A 32 3.45 20.57 -1.74
C ASN A 32 2.18 19.82 -2.11
N LYS A 33 1.42 19.43 -1.09
CA LYS A 33 0.18 18.69 -1.26
C LYS A 33 -0.87 19.37 -2.14
N GLU A 34 -0.86 20.71 -2.15
CA GLU A 34 -1.86 21.44 -2.93
C GLU A 34 -1.89 21.11 -4.42
N ILE A 35 -0.85 20.45 -4.91
N ILE A 35 -0.84 20.46 -4.92
CA ILE A 35 -0.76 20.10 -6.32
CA ILE A 35 -0.78 20.12 -6.33
C ILE A 35 -1.90 19.16 -6.73
C ILE A 35 -1.91 19.17 -6.73
N PHE A 36 -2.50 18.48 -5.75
CA PHE A 36 -3.59 17.55 -6.06
C PHE A 36 -4.70 18.27 -6.81
N LEU A 37 -4.98 19.52 -6.45
CA LEU A 37 -6.06 20.26 -7.11
C LEU A 37 -5.70 20.61 -8.55
N ARG A 38 -4.42 20.93 -8.76
CA ARG A 38 -3.95 21.25 -10.10
C ARG A 38 -4.15 20.03 -10.99
N GLU A 39 -3.83 18.86 -10.45
CA GLU A 39 -3.97 17.61 -11.23
C GLU A 39 -5.42 17.24 -11.51
N LEU A 40 -6.30 17.42 -10.54
CA LEU A 40 -7.72 17.10 -10.76
C LEU A 40 -8.32 18.06 -11.78
N ILE A 41 -7.90 19.32 -11.74
CA ILE A 41 -8.38 20.31 -12.70
C ILE A 41 -7.86 19.96 -14.10
N SER A 42 -6.59 19.58 -14.17
CA SER A 42 -5.98 19.22 -15.44
C SER A 42 -6.71 18.01 -16.04
N ASN A 43 -7.03 17.01 -15.22
CA ASN A 43 -7.74 15.82 -15.71
C ASN A 43 -9.14 16.17 -16.22
N ALA A 44 -9.80 17.09 -15.52
CA ALA A 44 -11.15 17.53 -15.89
C ALA A 44 -11.05 18.20 -17.26
N SER A 45 -10.04 19.04 -17.42
CA SER A 45 -9.84 19.73 -18.69
C SER A 45 -9.62 18.70 -19.83
N ASP A 46 -8.82 17.68 -19.57
CA ASP A 46 -8.56 16.64 -20.56
C ASP A 46 -9.88 15.93 -20.93
N ALA A 47 -10.72 15.68 -19.93
CA ALA A 47 -12.00 15.01 -20.17
C ALA A 47 -12.92 15.86 -21.02
N LEU A 48 -12.84 17.17 -20.84
CA LEU A 48 -13.67 18.09 -21.60
C LEU A 48 -13.14 18.16 -23.04
N ASP A 49 -11.82 18.08 -23.22
CA ASP A 49 -11.25 18.09 -24.56
C ASP A 49 -11.72 16.85 -25.31
N LYS A 50 -11.80 15.74 -24.59
CA LYS A 50 -12.22 14.48 -25.18
C LYS A 50 -13.65 14.52 -25.71
N ILE A 51 -14.60 15.02 -24.91
CA ILE A 51 -15.96 15.06 -25.42
C ILE A 51 -16.08 16.10 -26.54
N ARG A 52 -15.28 17.15 -26.46
CA ARG A 52 -15.30 18.18 -27.50
C ARG A 52 -14.83 17.56 -28.82
N LEU A 53 -13.80 16.72 -28.75
CA LEU A 53 -13.28 16.05 -29.94
C LEU A 53 -14.34 15.09 -30.48
N ILE A 54 -15.06 14.42 -29.58
CA ILE A 54 -16.10 13.50 -30.00
C ILE A 54 -17.26 14.24 -30.65
N SER A 55 -17.57 15.43 -30.13
CA SER A 55 -18.69 16.20 -30.67
C SER A 55 -18.42 16.65 -32.10
N LEU A 56 -17.16 16.59 -32.52
CA LEU A 56 -16.80 16.97 -33.89
C LEU A 56 -17.45 15.99 -34.86
N THR A 57 -17.47 14.72 -34.49
CA THR A 57 -18.03 13.69 -35.34
C THR A 57 -19.42 13.21 -34.92
N ASP A 58 -19.73 13.30 -33.64
CA ASP A 58 -21.01 12.83 -33.09
C ASP A 58 -21.95 14.00 -32.76
N GLU A 59 -23.03 14.10 -33.53
CA GLU A 59 -24.01 15.18 -33.35
C GLU A 59 -24.79 15.12 -32.02
N ASN A 60 -24.97 13.92 -31.48
CA ASN A 60 -25.71 13.79 -30.23
C ASN A 60 -24.79 13.74 -29.00
N ALA A 61 -23.48 13.89 -29.24
CA ALA A 61 -22.48 13.81 -28.18
C ALA A 61 -22.77 14.58 -26.89
N LEU A 62 -23.23 15.81 -27.00
CA LEU A 62 -23.49 16.63 -25.81
C LEU A 62 -24.94 16.61 -25.30
N ALA A 63 -25.76 15.72 -25.84
CA ALA A 63 -27.16 15.63 -25.47
C ALA A 63 -27.44 15.39 -23.98
N GLY A 64 -26.56 14.64 -23.30
CA GLY A 64 -26.78 14.36 -21.89
C GLY A 64 -26.48 15.49 -20.92
N ASN A 65 -25.83 16.54 -21.42
CA ASN A 65 -25.48 17.71 -20.61
C ASN A 65 -24.80 18.65 -21.61
N GLU A 66 -25.54 19.65 -22.06
CA GLU A 66 -25.05 20.60 -23.06
C GLU A 66 -23.89 21.53 -22.68
N GLU A 67 -23.54 21.59 -21.40
CA GLU A 67 -22.44 22.48 -21.00
C GLU A 67 -21.08 21.78 -20.91
N LEU A 68 -20.02 22.59 -20.96
CA LEU A 68 -18.63 22.10 -20.87
C LEU A 68 -17.98 22.92 -19.77
N THR A 69 -18.07 22.42 -18.54
CA THR A 69 -17.54 23.14 -17.39
C THR A 69 -16.90 22.28 -16.31
N VAL A 70 -16.24 22.96 -15.37
CA VAL A 70 -15.64 22.31 -14.20
C VAL A 70 -16.26 23.08 -13.05
N LYS A 71 -16.82 22.36 -12.08
CA LYS A 71 -17.46 22.99 -10.94
C LYS A 71 -16.97 22.37 -9.65
N ILE A 72 -16.48 23.20 -8.74
CA ILE A 72 -15.91 22.75 -7.48
C ILE A 72 -16.77 23.20 -6.29
N LYS A 73 -17.04 22.25 -5.39
N LYS A 73 -17.04 22.25 -5.39
CA LYS A 73 -17.86 22.51 -4.22
CA LYS A 73 -17.86 22.54 -4.22
C LYS A 73 -17.21 22.00 -2.94
C LYS A 73 -17.24 22.00 -2.94
N CYS A 74 -17.29 22.80 -1.88
CA CYS A 74 -16.75 22.40 -0.59
C CYS A 74 -17.94 22.10 0.30
N ASP A 75 -17.88 21.00 1.05
CA ASP A 75 -18.96 20.68 1.98
C ASP A 75 -18.27 20.47 3.32
N LYS A 76 -17.89 21.57 3.96
CA LYS A 76 -17.20 21.51 5.24
C LYS A 76 -17.89 20.59 6.24
N GLU A 77 -19.21 20.69 6.32
CA GLU A 77 -20.00 19.89 7.24
C GLU A 77 -19.77 18.39 7.07
N LYS A 78 -19.65 17.94 5.83
CA LYS A 78 -19.42 16.53 5.54
C LYS A 78 -17.96 16.20 5.27
N ASN A 79 -17.09 17.19 5.40
CA ASN A 79 -15.66 16.99 5.19
C ASN A 79 -15.37 16.49 3.78
N LEU A 80 -16.11 17.05 2.81
CA LEU A 80 -15.94 16.66 1.41
C LEU A 80 -15.59 17.82 0.48
N LEU A 81 -14.79 17.49 -0.54
CA LEU A 81 -14.42 18.42 -1.59
C LEU A 81 -14.84 17.71 -2.87
N HIS A 82 -15.58 18.41 -3.74
CA HIS A 82 -16.07 17.82 -4.99
C HIS A 82 -15.54 18.57 -6.21
N VAL A 83 -15.04 17.82 -7.19
CA VAL A 83 -14.56 18.40 -8.44
C VAL A 83 -15.35 17.72 -9.55
N THR A 84 -16.26 18.46 -10.18
CA THR A 84 -17.12 17.90 -11.23
C THR A 84 -16.90 18.49 -12.62
N ASP A 85 -16.79 17.62 -13.62
CA ASP A 85 -16.64 18.09 -14.99
C ASP A 85 -17.73 17.46 -15.84
N THR A 86 -18.07 18.12 -16.94
CA THR A 86 -19.07 17.58 -17.85
C THR A 86 -18.34 17.06 -19.09
N GLY A 87 -17.22 16.39 -18.85
CA GLY A 87 -16.43 15.84 -19.91
C GLY A 87 -17.03 14.55 -20.46
N VAL A 88 -16.20 13.74 -21.09
CA VAL A 88 -16.67 12.50 -21.71
C VAL A 88 -17.11 11.42 -20.72
N GLY A 89 -16.58 11.45 -19.49
CA GLY A 89 -16.96 10.44 -18.52
C GLY A 89 -16.28 9.10 -18.74
N MET A 90 -16.55 8.15 -17.86
N MET A 90 -16.56 8.15 -17.86
CA MET A 90 -15.96 6.82 -17.95
CA MET A 90 -15.96 6.82 -17.96
C MET A 90 -17.01 5.73 -17.80
C MET A 90 -17.01 5.73 -17.80
N THR A 91 -16.90 4.68 -18.61
CA THR A 91 -17.85 3.56 -18.54
C THR A 91 -17.40 2.73 -17.34
N ARG A 92 -18.23 1.76 -16.95
CA ARG A 92 -17.86 0.91 -15.81
C ARG A 92 -16.51 0.23 -16.07
N GLU A 93 -16.33 -0.32 -17.27
CA GLU A 93 -15.08 -1.00 -17.62
C GLU A 93 -13.89 -0.05 -17.52
N GLU A 94 -14.10 1.20 -17.93
CA GLU A 94 -13.02 2.19 -17.87
C GLU A 94 -12.65 2.55 -16.44
N LEU A 95 -13.64 2.61 -15.54
CA LEU A 95 -13.34 2.92 -14.15
C LEU A 95 -12.42 1.85 -13.57
N VAL A 96 -12.73 0.60 -13.88
CA VAL A 96 -11.96 -0.54 -13.38
C VAL A 96 -10.54 -0.58 -13.96
N LYS A 97 -10.44 -0.41 -15.28
CA LYS A 97 -9.15 -0.46 -15.96
C LYS A 97 -8.28 0.79 -15.83
N ASN A 98 -8.84 1.96 -16.12
CA ASN A 98 -8.09 3.20 -16.08
C ASN A 98 -7.61 3.69 -14.71
N LEU A 99 -8.33 3.37 -13.65
CA LEU A 99 -7.92 3.81 -12.31
C LEU A 99 -7.23 2.72 -11.50
N GLY A 100 -7.42 1.46 -11.89
CA GLY A 100 -6.82 0.35 -11.15
C GLY A 100 -5.57 -0.29 -11.73
N THR A 101 -5.19 0.11 -12.94
CA THR A 101 -4.00 -0.44 -13.59
C THR A 101 -3.24 0.69 -14.28
N ILE A 102 -2.04 0.39 -14.76
CA ILE A 102 -1.21 1.38 -15.44
C ILE A 102 -0.42 0.73 -16.57
N GLY A 106 5.39 3.19 -20.43
CA GLY A 106 6.65 3.49 -19.77
C GLY A 106 6.51 3.59 -18.26
N THR A 107 5.70 2.71 -17.69
CA THR A 107 5.48 2.69 -16.25
C THR A 107 6.76 2.37 -15.49
N SER A 108 7.44 1.31 -15.92
CA SER A 108 8.68 0.90 -15.29
C SER A 108 9.72 2.02 -15.36
N GLU A 109 9.72 2.72 -16.48
CA GLU A 109 10.66 3.83 -16.68
C GLU A 109 10.31 5.00 -15.77
N PHE A 110 9.01 5.31 -15.68
CA PHE A 110 8.54 6.41 -14.85
C PHE A 110 8.84 6.14 -13.37
N LEU A 111 8.53 4.92 -12.93
CA LEU A 111 8.76 4.53 -11.55
C LEU A 111 10.24 4.69 -11.22
N ASN A 112 11.09 4.38 -12.20
CA ASN A 112 12.53 4.51 -12.02
C ASN A 112 12.91 5.99 -12.04
N LYS A 113 12.21 6.77 -12.84
CA LYS A 113 12.46 8.20 -12.94
C LYS A 113 12.06 8.89 -11.63
N MET A 114 10.95 8.45 -11.05
CA MET A 114 10.47 9.01 -9.79
C MET A 114 11.46 8.73 -8.68
N THR A 115 11.91 7.48 -8.59
CA THR A 115 12.87 7.07 -7.58
C THR A 115 14.19 7.80 -7.80
N GLU A 116 14.61 7.89 -9.06
CA GLU A 116 15.86 8.56 -9.42
C GLU A 116 15.72 10.07 -9.23
N ALA A 117 14.48 10.53 -9.07
CA ALA A 117 14.21 11.95 -8.88
C ALA A 117 14.20 12.29 -7.40
N GLN A 118 13.88 11.31 -6.57
CA GLN A 118 13.83 11.51 -5.13
C GLN A 118 15.05 10.91 -4.44
N THR A 124 9.16 15.97 -8.55
CA THR A 124 8.35 15.02 -9.29
C THR A 124 7.05 15.66 -9.75
N SER A 125 6.81 16.90 -9.30
CA SER A 125 5.60 17.63 -9.65
C SER A 125 5.35 17.65 -11.17
N GLU A 126 6.38 18.01 -11.92
CA GLU A 126 6.25 18.09 -13.37
C GLU A 126 6.15 16.70 -14.02
N LEU A 127 6.94 15.75 -13.50
CA LEU A 127 6.95 14.39 -14.03
C LEU A 127 5.58 13.72 -13.94
N ILE A 128 4.95 13.85 -12.77
CA ILE A 128 3.64 13.26 -12.54
C ILE A 128 2.62 13.67 -13.59
N GLY A 129 2.59 14.97 -13.89
CA GLY A 129 1.65 15.45 -14.88
C GLY A 129 1.99 14.89 -16.26
N GLN A 130 3.27 14.84 -16.56
CA GLN A 130 3.75 14.33 -17.85
C GLN A 130 3.33 12.90 -18.13
N PHE A 131 3.46 12.03 -17.13
CA PHE A 131 3.09 10.63 -17.32
C PHE A 131 1.60 10.37 -17.12
N GLY A 132 0.86 11.42 -16.77
CA GLY A 132 -0.58 11.29 -16.57
C GLY A 132 -1.05 10.45 -15.40
N VAL A 133 -0.40 10.59 -14.25
CA VAL A 133 -0.79 9.83 -13.06
C VAL A 133 -1.15 10.78 -11.92
N GLY A 134 -1.42 12.03 -12.27
CA GLY A 134 -1.75 13.03 -11.27
C GLY A 134 -2.94 12.70 -10.37
N PHE A 135 -3.87 11.89 -10.88
CA PHE A 135 -5.05 11.51 -10.09
C PHE A 135 -4.67 10.96 -8.72
N TYR A 136 -3.62 10.14 -8.66
CA TYR A 136 -3.21 9.54 -7.39
C TYR A 136 -2.72 10.52 -6.33
N SER A 137 -2.43 11.76 -6.73
CA SER A 137 -1.98 12.76 -5.77
C SER A 137 -3.14 13.13 -4.83
N ALA A 138 -4.35 12.70 -5.19
CA ALA A 138 -5.52 12.98 -4.38
C ALA A 138 -5.34 12.36 -3.00
N PHE A 139 -4.62 11.23 -2.95
CA PHE A 139 -4.40 10.55 -1.69
C PHE A 139 -3.45 11.32 -0.77
N LEU A 140 -2.85 12.38 -1.29
CA LEU A 140 -1.97 13.21 -0.48
C LEU A 140 -2.83 13.90 0.59
N VAL A 141 -4.08 14.18 0.23
CA VAL A 141 -4.96 14.89 1.13
C VAL A 141 -6.27 14.18 1.47
N ALA A 142 -6.50 13.01 0.88
CA ALA A 142 -7.75 12.29 1.13
C ALA A 142 -7.60 10.89 1.72
N ASP A 143 -8.48 10.56 2.66
CA ASP A 143 -8.50 9.24 3.26
C ASP A 143 -9.32 8.33 2.36
N LYS A 144 -10.19 8.93 1.57
CA LYS A 144 -11.05 8.18 0.65
C LYS A 144 -11.28 9.02 -0.61
N VAL A 145 -11.21 8.36 -1.77
CA VAL A 145 -11.43 9.03 -3.04
C VAL A 145 -12.57 8.31 -3.73
N ILE A 146 -13.59 9.08 -4.11
CA ILE A 146 -14.76 8.53 -4.78
C ILE A 146 -14.87 9.16 -6.17
N VAL A 147 -15.13 8.33 -7.17
CA VAL A 147 -15.26 8.82 -8.54
C VAL A 147 -16.60 8.36 -9.08
N THR A 148 -17.51 9.31 -9.29
CA THR A 148 -18.83 9.01 -9.83
C THR A 148 -18.73 9.45 -11.29
N SER A 149 -19.12 8.58 -12.22
CA SER A 149 -18.98 8.96 -13.61
C SER A 149 -20.12 8.45 -14.50
N LYS A 150 -20.44 9.23 -15.53
CA LYS A 150 -21.49 8.88 -16.47
C LYS A 150 -20.97 9.13 -17.89
N HIS A 151 -20.91 8.07 -18.68
CA HIS A 151 -20.46 8.12 -20.06
C HIS A 151 -21.69 7.91 -20.94
N ASN A 152 -21.69 8.50 -22.13
CA ASN A 152 -22.83 8.36 -23.03
C ASN A 152 -23.21 6.92 -23.36
N ASN A 153 -22.24 6.00 -23.33
CA ASN A 153 -22.52 4.61 -23.67
C ASN A 153 -22.72 3.66 -22.50
N ASP A 154 -22.93 4.20 -21.31
CA ASP A 154 -23.11 3.34 -20.14
C ASP A 154 -23.96 4.05 -19.11
N THR A 155 -24.28 3.37 -18.01
CA THR A 155 -25.06 3.97 -16.94
C THR A 155 -24.07 4.53 -15.92
N GLN A 156 -24.57 5.31 -14.97
CA GLN A 156 -23.72 5.93 -13.96
C GLN A 156 -23.19 4.93 -12.93
N HIS A 157 -21.88 4.98 -12.64
CA HIS A 157 -21.27 4.08 -11.67
C HIS A 157 -20.43 4.87 -10.67
N ILE A 158 -20.07 4.20 -9.58
CA ILE A 158 -19.25 4.79 -8.53
C ILE A 158 -18.03 3.92 -8.24
N TRP A 159 -16.86 4.54 -8.27
CA TRP A 159 -15.58 3.88 -7.95
C TRP A 159 -15.19 4.49 -6.61
N GLU A 160 -14.72 3.68 -5.68
CA GLU A 160 -14.31 4.22 -4.38
C GLU A 160 -13.08 3.47 -3.86
N SER A 161 -12.20 4.17 -3.16
CA SER A 161 -11.00 3.53 -2.64
C SER A 161 -10.33 4.30 -1.52
N ASP A 162 -9.78 3.56 -0.56
CA ASP A 162 -9.03 4.17 0.54
C ASP A 162 -7.54 3.88 0.26
N SER A 163 -7.27 3.43 -0.97
CA SER A 163 -5.94 3.09 -1.49
C SER A 163 -5.46 1.67 -1.23
N ASN A 164 -6.19 0.92 -0.41
CA ASN A 164 -5.82 -0.45 -0.07
C ASN A 164 -6.58 -1.49 -0.89
N GLU A 165 -7.51 -0.99 -1.70
CA GLU A 165 -8.35 -1.81 -2.58
C GLU A 165 -9.32 -0.81 -3.19
N PHE A 166 -10.14 -1.25 -4.14
CA PHE A 166 -11.15 -0.36 -4.70
C PHE A 166 -12.38 -1.15 -5.11
N SER A 167 -13.52 -0.48 -5.16
CA SER A 167 -14.74 -1.15 -5.59
C SER A 167 -15.47 -0.27 -6.59
N VAL A 168 -16.28 -0.90 -7.42
CA VAL A 168 -17.08 -0.20 -8.43
C VAL A 168 -18.48 -0.79 -8.36
N ILE A 169 -19.47 0.09 -8.26
CA ILE A 169 -20.87 -0.34 -8.19
C ILE A 169 -21.74 0.57 -9.05
N ALA A 170 -22.89 0.05 -9.47
CA ALA A 170 -23.82 0.86 -10.25
C ALA A 170 -24.35 1.89 -9.26
N ASP A 171 -24.48 3.14 -9.70
CA ASP A 171 -24.96 4.22 -8.83
C ASP A 171 -26.46 4.09 -8.62
N PRO A 172 -26.89 3.78 -7.39
CA PRO A 172 -28.31 3.64 -7.10
C PRO A 172 -29.12 4.94 -7.23
N ARG A 173 -28.43 6.05 -7.43
CA ARG A 173 -29.12 7.33 -7.60
C ARG A 173 -29.52 7.50 -9.06
N GLY A 174 -29.01 6.63 -9.91
CA GLY A 174 -29.32 6.71 -11.33
C GLY A 174 -28.45 7.74 -12.02
N ASN A 175 -28.95 8.26 -13.14
CA ASN A 175 -28.22 9.26 -13.91
C ASN A 175 -28.45 10.67 -13.39
N THR A 176 -27.58 11.12 -12.50
CA THR A 176 -27.72 12.46 -11.96
C THR A 176 -26.73 13.43 -12.60
N LEU A 177 -25.66 12.88 -13.18
CA LEU A 177 -24.65 13.73 -13.81
C LEU A 177 -24.97 14.14 -15.25
N GLY A 178 -25.75 13.31 -15.93
CA GLY A 178 -26.08 13.58 -17.32
C GLY A 178 -24.96 13.05 -18.18
N ARG A 179 -23.76 13.56 -17.92
CA ARG A 179 -22.53 13.17 -18.59
C ARG A 179 -21.38 13.83 -17.83
N GLY A 180 -20.33 13.07 -17.54
CA GLY A 180 -19.22 13.68 -16.82
C GLY A 180 -18.74 12.85 -15.65
N THR A 181 -17.96 13.49 -14.80
CA THR A 181 -17.36 12.82 -13.65
C THR A 181 -17.25 13.75 -12.44
N THR A 182 -17.48 13.20 -11.26
CA THR A 182 -17.32 13.95 -10.03
C THR A 182 -16.25 13.24 -9.23
N ILE A 183 -15.23 13.98 -8.80
CA ILE A 183 -14.20 13.39 -7.96
C ILE A 183 -14.57 13.91 -6.57
N THR A 184 -14.86 13.00 -5.65
CA THR A 184 -15.21 13.39 -4.29
C THR A 184 -14.10 12.95 -3.34
N LEU A 185 -13.58 13.89 -2.56
CA LEU A 185 -12.51 13.59 -1.62
C LEU A 185 -12.96 13.70 -0.18
N VAL A 186 -12.71 12.65 0.60
CA VAL A 186 -13.02 12.67 2.03
C VAL A 186 -11.66 13.07 2.59
N LEU A 187 -11.54 14.34 2.97
CA LEU A 187 -10.27 14.87 3.44
C LEU A 187 -9.68 14.33 4.73
N LYS A 188 -8.35 14.25 4.76
CA LYS A 188 -7.63 13.80 5.94
C LYS A 188 -7.80 14.91 6.98
N GLU A 189 -7.65 14.58 8.25
CA GLU A 189 -7.81 15.61 9.29
C GLU A 189 -6.87 16.79 9.09
N GLU A 190 -5.66 16.52 8.61
CA GLU A 190 -4.68 17.58 8.40
C GLU A 190 -4.90 18.38 7.11
N ALA A 191 -5.95 18.04 6.35
CA ALA A 191 -6.23 18.74 5.11
C ALA A 191 -7.52 19.56 5.15
N SER A 192 -7.99 19.86 6.36
CA SER A 192 -9.22 20.63 6.55
C SER A 192 -9.18 22.01 5.90
N ASP A 193 -7.98 22.51 5.64
CA ASP A 193 -7.82 23.83 5.01
C ASP A 193 -8.50 23.89 3.64
N TYR A 194 -8.52 22.76 2.94
CA TYR A 194 -9.12 22.71 1.61
C TYR A 194 -10.64 22.73 1.62
N LEU A 195 -11.21 22.99 2.78
CA LEU A 195 -12.66 23.08 2.91
C LEU A 195 -13.03 24.56 3.01
N GLU A 196 -12.03 25.41 3.14
CA GLU A 196 -12.23 26.86 3.24
C GLU A 196 -12.27 27.50 1.86
N LEU A 197 -13.30 28.31 1.61
CA LEU A 197 -13.49 28.98 0.33
C LEU A 197 -12.36 29.89 -0.11
N ASP A 198 -11.83 30.70 0.81
CA ASP A 198 -10.75 31.61 0.48
C ASP A 198 -9.58 30.84 -0.11
N THR A 199 -9.23 29.73 0.55
CA THR A 199 -8.12 28.90 0.11
C THR A 199 -8.40 28.22 -1.23
N ILE A 200 -9.57 27.59 -1.34
CA ILE A 200 -9.94 26.92 -2.59
C ILE A 200 -10.02 27.87 -3.77
N LYS A 201 -10.63 29.03 -3.58
CA LYS A 201 -10.73 30.00 -4.67
C LYS A 201 -9.36 30.44 -5.15
N ASN A 202 -8.46 30.68 -4.19
CA ASN A 202 -7.11 31.11 -4.54
C ASN A 202 -6.38 30.03 -5.32
N LEU A 203 -6.51 28.77 -4.87
CA LEU A 203 -5.86 27.66 -5.56
C LEU A 203 -6.50 27.39 -6.91
N VAL A 204 -7.83 27.44 -6.98
CA VAL A 204 -8.51 27.21 -8.25
C VAL A 204 -8.12 28.29 -9.26
N LYS A 205 -8.10 29.54 -8.82
CA LYS A 205 -7.73 30.63 -9.71
C LYS A 205 -6.34 30.39 -10.28
N LYS A 206 -5.41 29.99 -9.42
CA LYS A 206 -4.04 29.75 -9.85
C LYS A 206 -3.91 28.60 -10.85
N TYR A 207 -4.57 27.48 -10.56
CA TYR A 207 -4.48 26.30 -11.41
C TYR A 207 -5.40 26.27 -12.62
N SER A 208 -6.31 27.23 -12.73
CA SER A 208 -7.24 27.26 -13.85
C SER A 208 -6.90 28.30 -14.91
N GLN A 209 -5.88 29.11 -14.65
CA GLN A 209 -5.50 30.17 -15.58
C GLN A 209 -5.45 29.75 -17.06
N PHE A 210 -4.72 28.68 -17.37
CA PHE A 210 -4.59 28.25 -18.76
C PHE A 210 -5.52 27.13 -19.19
N ILE A 211 -6.61 26.93 -18.46
CA ILE A 211 -7.59 25.91 -18.82
C ILE A 211 -8.58 26.60 -19.77
N ASN A 212 -8.84 25.97 -20.91
CA ASN A 212 -9.75 26.53 -21.91
C ASN A 212 -11.24 26.24 -21.74
N PHE A 213 -11.65 26.02 -20.49
CA PHE A 213 -13.05 25.78 -20.17
C PHE A 213 -13.30 26.56 -18.89
N PRO A 214 -14.52 27.11 -18.72
CA PRO A 214 -14.80 27.87 -17.51
C PRO A 214 -14.86 26.97 -16.28
N ILE A 215 -14.23 27.43 -15.21
CA ILE A 215 -14.19 26.70 -13.96
C ILE A 215 -14.86 27.54 -12.88
N TYR A 216 -15.81 26.94 -12.17
CA TYR A 216 -16.57 27.64 -11.14
C TYR A 216 -16.42 27.02 -9.75
N VAL A 217 -16.56 27.85 -8.73
CA VAL A 217 -16.50 27.42 -7.35
C VAL A 217 -17.84 27.84 -6.74
N TRP A 218 -18.48 26.93 -6.01
CA TRP A 218 -19.76 27.23 -5.36
C TRP A 218 -19.39 28.10 -4.16
N SER A 219 -19.81 29.37 -4.20
CA SER A 219 -19.47 30.28 -3.12
C SER A 219 -20.57 31.23 -2.67
N SER A 220 -20.33 31.87 -1.53
CA SER A 220 -21.27 32.80 -0.94
C SER A 220 -20.96 34.25 -1.29
N LYS A 221 -21.98 35.10 -1.21
CA LYS A 221 -21.85 36.53 -1.50
C LYS A 221 -22.92 37.27 -0.72
N THR A 222 -22.54 38.38 -0.07
CA THR A 222 -23.48 39.18 0.70
C THR A 222 -23.98 40.38 -0.10
N LYS A 227 -28.78 39.56 2.38
CA LYS A 227 -28.36 38.39 3.11
C LYS A 227 -27.26 37.63 2.37
N THR A 228 -27.05 36.38 2.77
CA THR A 228 -26.03 35.54 2.16
C THR A 228 -26.64 34.63 1.10
N VAL A 229 -26.16 34.74 -0.13
CA VAL A 229 -26.67 33.93 -1.23
C VAL A 229 -25.54 33.10 -1.84
N TRP A 230 -25.85 31.86 -2.21
CA TRP A 230 -24.85 30.98 -2.81
C TRP A 230 -25.09 30.75 -4.29
N ASP A 231 -24.00 30.66 -5.05
CA ASP A 231 -24.08 30.46 -6.49
C ASP A 231 -22.69 30.20 -7.07
N TRP A 232 -22.65 29.76 -8.32
CA TRP A 232 -21.38 29.47 -9.00
C TRP A 232 -20.61 30.74 -9.32
N GLU A 233 -19.35 30.79 -8.89
CA GLU A 233 -18.49 31.94 -9.15
C GLU A 233 -17.39 31.55 -10.13
N LEU A 234 -17.31 32.29 -11.25
CA LEU A 234 -16.31 32.05 -12.30
C LEU A 234 -14.92 32.37 -11.78
N MET A 235 -13.99 31.43 -11.96
CA MET A 235 -12.62 31.59 -11.49
C MET A 235 -11.57 31.86 -12.57
N ASN A 236 -11.93 31.70 -13.84
CA ASN A 236 -10.97 31.91 -14.91
C ASN A 236 -11.58 32.62 -16.13
N GLU B 10 1.72 -17.23 -10.24
CA GLU B 10 2.60 -17.20 -9.04
C GLU B 10 2.48 -15.87 -8.30
N LYS B 11 1.82 -14.89 -8.93
CA LYS B 11 1.64 -13.56 -8.34
C LYS B 11 0.32 -13.40 -7.60
N PHE B 12 0.35 -12.69 -6.47
CA PHE B 12 -0.85 -12.46 -5.67
C PHE B 12 -0.90 -11.06 -5.09
N ALA B 13 -2.11 -10.58 -4.85
CA ALA B 13 -2.30 -9.27 -4.24
C ALA B 13 -2.68 -9.56 -2.79
N PHE B 14 -2.35 -8.65 -1.88
CA PHE B 14 -2.70 -8.83 -0.48
C PHE B 14 -4.18 -8.51 -0.28
N GLN B 15 -4.79 -9.13 0.72
CA GLN B 15 -6.18 -8.89 1.06
C GLN B 15 -6.21 -7.42 1.51
N ALA B 16 -7.33 -6.73 1.30
CA ALA B 16 -7.43 -5.33 1.70
C ALA B 16 -7.11 -5.14 3.18
N GLU B 17 -7.61 -6.06 4.00
CA GLU B 17 -7.37 -5.99 5.45
C GLU B 17 -5.89 -6.04 5.79
N VAL B 18 -5.13 -6.83 5.03
CA VAL B 18 -3.71 -6.95 5.29
C VAL B 18 -2.97 -5.66 4.93
N ASN B 19 -3.38 -5.01 3.83
CA ASN B 19 -2.73 -3.77 3.46
C ASN B 19 -2.92 -2.74 4.58
N ARG B 20 -4.13 -2.68 5.13
CA ARG B 20 -4.42 -1.74 6.21
C ARG B 20 -3.63 -2.09 7.47
N MET B 21 -3.55 -3.39 7.75
N MET B 21 -3.55 -3.38 7.77
CA MET B 21 -2.83 -3.86 8.93
CA MET B 21 -2.82 -3.83 8.95
C MET B 21 -1.35 -3.50 8.83
C MET B 21 -1.34 -3.48 8.83
N MET B 22 -0.75 -3.73 7.67
CA MET B 22 0.66 -3.43 7.47
C MET B 22 0.96 -1.96 7.72
N LYS B 23 0.07 -1.09 7.28
CA LYS B 23 0.25 0.35 7.47
C LYS B 23 0.16 0.73 8.93
N LEU B 24 -0.84 0.16 9.62
CA LEU B 24 -1.02 0.42 11.04
C LEU B 24 0.21 0.01 11.84
N ILE B 25 0.72 -1.20 11.57
CA ILE B 25 1.89 -1.70 12.27
C ILE B 25 3.11 -0.82 12.03
N ILE B 26 3.35 -0.49 10.76
CA ILE B 26 4.48 0.35 10.40
C ILE B 26 4.42 1.75 11.01
N ASN B 27 3.23 2.35 11.01
CA ASN B 27 3.07 3.68 11.55
C ASN B 27 3.10 3.74 13.08
N SER B 28 2.75 2.63 13.72
N SER B 28 2.75 2.63 13.72
CA SER B 28 2.73 2.58 15.18
CA SER B 28 2.73 2.58 15.18
C SER B 28 4.10 2.31 15.80
C SER B 28 4.10 2.31 15.80
N LEU B 29 4.87 1.42 15.18
CA LEU B 29 6.20 1.07 15.69
C LEU B 29 7.37 1.80 15.06
N TYR B 30 7.09 2.89 14.35
CA TYR B 30 8.14 3.66 13.67
C TYR B 30 9.24 4.14 14.62
N LYS B 31 8.89 4.32 15.90
CA LYS B 31 9.86 4.79 16.88
C LYS B 31 10.62 3.67 17.58
N ASN B 32 10.14 2.43 17.43
CA ASN B 32 10.79 1.29 18.06
C ASN B 32 10.89 0.15 17.05
N LYS B 33 11.64 0.39 15.98
CA LYS B 33 11.80 -0.59 14.90
C LYS B 33 12.43 -1.92 15.31
N GLU B 34 13.28 -1.89 16.33
CA GLU B 34 13.96 -3.10 16.78
C GLU B 34 13.05 -4.26 17.20
N ILE B 35 11.79 -3.96 17.47
CA ILE B 35 10.83 -4.97 17.89
C ILE B 35 10.61 -6.04 16.82
N PHE B 36 10.98 -5.74 15.58
CA PHE B 36 10.79 -6.70 14.49
C PHE B 36 11.49 -8.02 14.81
N LEU B 37 12.69 -7.95 15.38
CA LEU B 37 13.41 -9.18 15.68
C LEU B 37 12.71 -10.00 16.76
N ARG B 38 12.13 -9.31 17.74
CA ARG B 38 11.39 -9.99 18.80
C ARG B 38 10.23 -10.77 18.20
N GLU B 39 9.53 -10.13 17.27
CA GLU B 39 8.37 -10.76 16.64
C GLU B 39 8.74 -11.96 15.77
N LEU B 40 9.86 -11.86 15.06
CA LEU B 40 10.28 -12.98 14.21
C LEU B 40 10.71 -14.15 15.09
N ILE B 41 11.40 -13.86 16.19
CA ILE B 41 11.86 -14.91 17.09
C ILE B 41 10.65 -15.57 17.78
N SER B 42 9.62 -14.77 18.05
N SER B 42 9.62 -14.78 18.06
CA SER B 42 8.41 -15.27 18.70
CA SER B 42 8.42 -15.31 18.70
C SER B 42 7.68 -16.22 17.75
C SER B 42 7.68 -16.24 17.74
N ASN B 43 7.58 -15.84 16.48
CA ASN B 43 6.91 -16.66 15.48
C ASN B 43 7.68 -17.97 15.31
N ALA B 44 9.01 -17.89 15.35
CA ALA B 44 9.85 -19.08 15.20
C ALA B 44 9.61 -20.03 16.37
N SER B 45 9.52 -19.47 17.57
CA SER B 45 9.26 -20.27 18.76
C SER B 45 7.92 -21.00 18.59
N ASP B 46 6.91 -20.26 18.12
CA ASP B 46 5.58 -20.82 17.89
C ASP B 46 5.63 -21.97 16.89
N ALA B 47 6.41 -21.79 15.83
CA ALA B 47 6.54 -22.83 14.81
C ALA B 47 7.17 -24.09 15.40
N LEU B 48 8.13 -23.89 16.31
CA LEU B 48 8.81 -25.00 16.96
C LEU B 48 7.85 -25.73 17.92
N ASP B 49 6.97 -24.98 18.58
CA ASP B 49 5.99 -25.58 19.49
C ASP B 49 5.08 -26.52 18.69
N LYS B 50 4.66 -26.07 17.52
CA LYS B 50 3.77 -26.87 16.68
C LYS B 50 4.37 -28.20 16.25
N ILE B 51 5.62 -28.19 15.79
CA ILE B 51 6.22 -29.45 15.37
C ILE B 51 6.53 -30.32 16.59
N ARG B 52 6.84 -29.70 17.73
CA ARG B 52 7.10 -30.47 18.94
C ARG B 52 5.83 -31.25 19.31
N LEU B 53 4.68 -30.59 19.22
CA LEU B 53 3.38 -31.20 19.53
C LEU B 53 3.06 -32.33 18.55
N ILE B 54 3.29 -32.07 17.27
CA ILE B 54 3.04 -33.07 16.26
C ILE B 54 3.95 -34.28 16.50
N SER B 55 5.15 -34.04 17.03
CA SER B 55 6.08 -35.13 17.26
C SER B 55 5.60 -36.05 18.37
N LEU B 56 4.66 -35.58 19.17
CA LEU B 56 4.10 -36.40 20.24
C LEU B 56 3.27 -37.54 19.66
N THR B 57 2.53 -37.23 18.60
CA THR B 57 1.65 -38.20 17.95
C THR B 57 2.06 -38.73 16.59
N ASP B 58 3.08 -38.11 15.99
CA ASP B 58 3.56 -38.50 14.67
C ASP B 58 5.02 -38.93 14.76
N GLU B 59 5.26 -40.23 14.61
CA GLU B 59 6.60 -40.81 14.70
C GLU B 59 7.61 -40.30 13.69
N ASN B 60 7.16 -39.91 12.51
CA ASN B 60 8.09 -39.44 11.47
C ASN B 60 8.19 -37.92 11.38
N ALA B 61 7.44 -37.23 12.24
CA ALA B 61 7.41 -35.77 12.25
C ALA B 61 8.76 -35.05 12.16
N LEU B 62 9.78 -35.57 12.82
CA LEU B 62 11.08 -34.90 12.78
C LEU B 62 12.06 -35.46 11.76
N ALA B 63 11.61 -36.38 10.93
CA ALA B 63 12.46 -37.00 9.92
C ALA B 63 13.29 -36.04 9.07
N GLY B 64 12.64 -35.02 8.52
CA GLY B 64 13.34 -34.06 7.67
C GLY B 64 14.46 -33.24 8.31
N ASN B 65 14.43 -33.09 9.63
CA ASN B 65 15.44 -32.32 10.35
C ASN B 65 15.25 -32.60 11.84
N GLU B 66 16.20 -33.34 12.43
CA GLU B 66 16.12 -33.73 13.83
C GLU B 66 16.19 -32.65 14.92
N GLU B 67 16.80 -31.50 14.64
CA GLU B 67 16.93 -30.46 15.64
C GLU B 67 15.74 -29.49 15.78
N LEU B 68 15.67 -28.83 16.92
CA LEU B 68 14.62 -27.85 17.22
C LEU B 68 15.34 -26.57 17.64
N THR B 69 15.67 -25.74 16.66
CA THR B 69 16.41 -24.51 16.93
C THR B 69 15.99 -23.28 16.12
N VAL B 70 16.57 -22.14 16.52
CA VAL B 70 16.38 -20.88 15.83
C VAL B 70 17.82 -20.42 15.59
N LYS B 71 18.17 -20.15 14.33
CA LYS B 71 19.52 -19.73 13.99
C LYS B 71 19.50 -18.45 13.17
N ILE B 72 20.24 -17.45 13.64
CA ILE B 72 20.28 -16.16 12.97
C ILE B 72 21.63 -15.90 12.30
N LYS B 73 21.59 -15.41 11.07
N LYS B 73 21.59 -15.41 11.07
CA LYS B 73 22.80 -15.14 10.31
CA LYS B 73 22.80 -15.15 10.31
C LYS B 73 22.78 -13.75 9.69
C LYS B 73 22.78 -13.75 9.70
N CYS B 74 23.89 -13.04 9.83
CA CYS B 74 24.01 -11.70 9.27
C CYS B 74 24.91 -11.79 8.04
N ASP B 75 24.41 -11.35 6.90
CA ASP B 75 25.22 -11.36 5.69
C ASP B 75 25.43 -9.91 5.29
N LYS B 76 26.44 -9.27 5.89
CA LYS B 76 26.73 -7.88 5.60
C LYS B 76 26.95 -7.59 4.12
N GLU B 77 27.75 -8.42 3.47
CA GLU B 77 28.05 -8.23 2.04
C GLU B 77 26.79 -8.18 1.18
N LYS B 78 25.88 -9.13 1.38
CA LYS B 78 24.65 -9.19 0.60
C LYS B 78 23.53 -8.33 1.17
N ASN B 79 23.79 -7.71 2.33
CA ASN B 79 22.79 -6.86 2.98
C ASN B 79 21.56 -7.65 3.37
N LEU B 80 21.77 -8.86 3.88
CA LEU B 80 20.67 -9.73 4.27
C LEU B 80 20.75 -10.21 5.71
N LEU B 81 19.58 -10.32 6.34
CA LEU B 81 19.49 -10.83 7.70
C LEU B 81 18.60 -12.06 7.57
N HIS B 82 19.07 -13.19 8.08
CA HIS B 82 18.31 -14.45 8.00
C HIS B 82 17.91 -14.97 9.38
N VAL B 83 16.66 -15.35 9.55
CA VAL B 83 16.20 -15.92 10.81
C VAL B 83 15.58 -17.26 10.43
N THR B 84 16.24 -18.35 10.82
CA THR B 84 15.80 -19.68 10.45
C THR B 84 15.40 -20.57 11.62
N ASP B 85 14.23 -21.19 11.53
CA ASP B 85 13.77 -22.10 12.57
C ASP B 85 13.54 -23.47 11.94
N THR B 86 13.58 -24.51 12.76
CA THR B 86 13.33 -25.86 12.26
C THR B 86 11.97 -26.29 12.77
N GLY B 87 11.02 -25.34 12.71
CA GLY B 87 9.66 -25.59 13.16
C GLY B 87 8.86 -26.41 12.16
N VAL B 88 7.53 -26.35 12.27
CA VAL B 88 6.67 -27.13 11.40
C VAL B 88 6.69 -26.70 9.93
N GLY B 89 7.05 -25.44 9.66
CA GLY B 89 7.09 -24.98 8.29
C GLY B 89 5.71 -24.68 7.71
N MET B 90 5.66 -24.26 6.46
CA MET B 90 4.40 -23.95 5.78
C MET B 90 4.36 -24.54 4.38
N THR B 91 3.21 -25.11 4.02
CA THR B 91 3.03 -25.67 2.67
C THR B 91 2.82 -24.47 1.75
N ARG B 92 2.86 -24.70 0.44
CA ARG B 92 2.67 -23.62 -0.52
C ARG B 92 1.36 -22.89 -0.23
N GLU B 93 0.31 -23.66 0.03
CA GLU B 93 -1.00 -23.09 0.32
C GLU B 93 -1.00 -22.23 1.57
N GLU B 94 -0.26 -22.65 2.60
CA GLU B 94 -0.20 -21.88 3.83
C GLU B 94 0.59 -20.58 3.68
N LEU B 95 1.59 -20.57 2.80
CA LEU B 95 2.37 -19.36 2.58
C LEU B 95 1.43 -18.28 2.02
N VAL B 96 0.62 -18.68 1.04
CA VAL B 96 -0.33 -17.76 0.41
C VAL B 96 -1.39 -17.26 1.39
N LYS B 97 -2.01 -18.19 2.10
CA LYS B 97 -3.08 -17.87 3.04
C LYS B 97 -2.65 -17.21 4.36
N ASN B 98 -1.64 -17.77 5.02
CA ASN B 98 -1.20 -17.22 6.29
C ASN B 98 -0.53 -15.86 6.18
N LEU B 99 0.19 -15.64 5.09
CA LEU B 99 0.90 -14.37 4.90
C LEU B 99 0.12 -13.36 4.04
N GLY B 100 -0.74 -13.87 3.16
CA GLY B 100 -1.49 -12.98 2.28
C GLY B 100 -2.91 -12.61 2.68
N THR B 101 -3.44 -13.28 3.69
CA THR B 101 -4.79 -12.99 4.15
C THR B 101 -4.87 -12.91 5.68
N ILE B 102 -6.06 -12.60 6.19
CA ILE B 102 -6.28 -12.51 7.62
C ILE B 102 -7.77 -12.55 7.93
N GLU B 109 -11.75 -5.62 14.61
CA GLU B 109 -11.65 -5.13 15.98
C GLU B 109 -10.22 -4.69 16.27
N PHE B 110 -9.25 -5.48 15.83
CA PHE B 110 -7.85 -5.17 16.05
C PHE B 110 -7.47 -3.89 15.32
N LEU B 111 -7.89 -3.79 14.05
CA LEU B 111 -7.59 -2.62 13.25
C LEU B 111 -8.13 -1.38 13.94
N ASN B 112 -9.29 -1.52 14.57
CA ASN B 112 -9.92 -0.42 15.29
C ASN B 112 -9.14 -0.17 16.58
N LYS B 113 -8.63 -1.24 17.17
CA LYS B 113 -7.86 -1.15 18.41
C LYS B 113 -6.54 -0.43 18.15
N MET B 114 -5.92 -0.76 17.02
CA MET B 114 -4.65 -0.14 16.64
C MET B 114 -4.83 1.36 16.40
N THR B 115 -5.87 1.71 15.66
CA THR B 115 -6.17 3.10 15.36
C THR B 115 -6.52 3.85 16.64
N GLU B 116 -7.33 3.21 17.48
CA GLU B 116 -7.74 3.81 18.75
C GLU B 116 -6.57 3.80 19.74
N THR B 124 1.08 -0.15 20.78
CA THR B 124 0.61 -1.25 19.94
C THR B 124 1.58 -2.43 20.02
N SER B 125 2.74 -2.20 20.62
CA SER B 125 3.75 -3.23 20.75
C SER B 125 3.20 -4.53 21.33
N GLU B 126 2.52 -4.43 22.46
CA GLU B 126 1.94 -5.60 23.11
C GLU B 126 0.76 -6.16 22.32
N LEU B 127 -0.06 -5.27 21.77
CA LEU B 127 -1.23 -5.68 20.99
C LEU B 127 -0.83 -6.51 19.76
N ILE B 128 0.16 -6.02 19.03
CA ILE B 128 0.64 -6.71 17.84
C ILE B 128 1.10 -8.12 18.18
N GLY B 129 1.87 -8.23 19.26
CA GLY B 129 2.36 -9.53 19.68
C GLY B 129 1.21 -10.46 20.06
N GLN B 130 0.19 -9.90 20.69
CA GLN B 130 -0.97 -10.68 21.12
C GLN B 130 -1.85 -11.18 19.99
N PHE B 131 -2.08 -10.33 18.99
CA PHE B 131 -2.92 -10.74 17.86
C PHE B 131 -2.13 -11.56 16.84
N GLY B 132 -0.82 -11.68 17.08
CA GLY B 132 0.04 -12.46 16.21
C GLY B 132 0.27 -11.90 14.81
N VAL B 133 0.46 -10.58 14.72
CA VAL B 133 0.68 -9.94 13.42
C VAL B 133 2.04 -9.27 13.35
N GLY B 134 2.94 -9.69 14.23
CA GLY B 134 4.27 -9.11 14.28
C GLY B 134 5.13 -9.29 13.05
N PHE B 135 4.82 -10.30 12.25
CA PHE B 135 5.60 -10.56 11.03
C PHE B 135 5.72 -9.31 10.18
N TYR B 136 4.62 -8.59 10.01
CA TYR B 136 4.62 -7.38 9.18
C TYR B 136 5.55 -6.26 9.64
N SER B 137 5.98 -6.31 10.89
CA SER B 137 6.87 -5.28 11.41
C SER B 137 8.23 -5.37 10.71
N ALA B 138 8.46 -6.48 10.02
CA ALA B 138 9.71 -6.66 9.29
C ALA B 138 9.86 -5.56 8.25
N PHE B 139 8.73 -5.08 7.74
CA PHE B 139 8.78 -4.03 6.74
C PHE B 139 9.26 -2.68 7.28
N LEU B 140 9.42 -2.58 8.60
CA LEU B 140 9.92 -1.36 9.21
C LEU B 140 11.40 -1.19 8.91
N VAL B 141 12.11 -2.30 8.72
CA VAL B 141 13.55 -2.27 8.44
C VAL B 141 13.95 -2.91 7.13
N ALA B 142 12.99 -3.51 6.42
CA ALA B 142 13.30 -4.17 5.16
C ALA B 142 12.49 -3.69 3.96
N ASP B 143 13.16 -3.58 2.82
CA ASP B 143 12.54 -3.18 1.57
C ASP B 143 11.90 -4.41 0.91
N LYS B 144 12.41 -5.58 1.26
CA LYS B 144 11.87 -6.84 0.76
C LYS B 144 11.98 -7.90 1.85
N VAL B 145 10.96 -8.75 1.93
CA VAL B 145 10.93 -9.81 2.91
C VAL B 145 10.70 -11.12 2.14
N ILE B 146 11.57 -12.09 2.37
CA ILE B 146 11.48 -13.37 1.68
C ILE B 146 11.28 -14.46 2.72
N VAL B 147 10.36 -15.38 2.45
CA VAL B 147 10.10 -16.48 3.36
C VAL B 147 10.26 -17.80 2.58
N THR B 148 11.28 -18.57 2.97
CA THR B 148 11.55 -19.87 2.36
C THR B 148 11.07 -20.87 3.38
N SER B 149 10.25 -21.83 2.97
CA SER B 149 9.73 -22.78 3.95
C SER B 149 9.52 -24.18 3.40
N LYS B 150 9.69 -25.17 4.29
CA LYS B 150 9.51 -26.57 3.94
C LYS B 150 8.66 -27.24 5.03
N HIS B 151 7.49 -27.73 4.64
CA HIS B 151 6.57 -28.41 5.56
C HIS B 151 6.64 -29.89 5.15
N ASN B 152 6.36 -30.80 6.09
CA ASN B 152 6.43 -32.22 5.77
C ASN B 152 5.48 -32.66 4.64
N ASN B 153 4.37 -31.96 4.49
CA ASN B 153 3.40 -32.31 3.45
C ASN B 153 3.58 -31.62 2.10
N ASP B 154 4.68 -30.90 1.91
CA ASP B 154 4.89 -30.22 0.63
C ASP B 154 6.37 -30.04 0.32
N THR B 155 6.67 -29.53 -0.88
CA THR B 155 8.05 -29.30 -1.26
C THR B 155 8.39 -27.89 -0.82
N GLN B 156 9.68 -27.57 -0.81
CA GLN B 156 10.13 -26.26 -0.37
C GLN B 156 9.72 -25.16 -1.35
N HIS B 157 9.13 -24.09 -0.81
CA HIS B 157 8.68 -22.96 -1.63
C HIS B 157 9.24 -21.64 -1.09
N ILE B 158 9.15 -20.60 -1.91
CA ILE B 158 9.63 -19.26 -1.55
C ILE B 158 8.54 -18.22 -1.78
N TRP B 159 8.32 -17.38 -0.77
CA TRP B 159 7.34 -16.29 -0.80
C TRP B 159 8.21 -15.03 -0.75
N GLU B 160 7.87 -14.03 -1.56
CA GLU B 160 8.64 -12.79 -1.57
C GLU B 160 7.69 -11.61 -1.69
N SER B 161 8.07 -10.48 -1.12
CA SER B 161 7.20 -9.32 -1.18
C SER B 161 7.90 -8.03 -0.80
N ASP B 162 7.51 -6.94 -1.46
CA ASP B 162 8.03 -5.61 -1.17
C ASP B 162 6.89 -4.84 -0.52
N SER B 163 5.82 -5.57 -0.21
CA SER B 163 4.59 -5.09 0.43
C SER B 163 3.51 -4.62 -0.54
N ASN B 164 3.85 -4.48 -1.81
CA ASN B 164 2.88 -4.02 -2.81
C ASN B 164 2.21 -5.15 -3.58
N GLU B 165 2.66 -6.36 -3.30
CA GLU B 165 2.15 -7.59 -3.92
C GLU B 165 3.08 -8.66 -3.38
N PHE B 166 2.80 -9.92 -3.71
CA PHE B 166 3.70 -11.00 -3.29
C PHE B 166 3.61 -12.15 -4.29
N SER B 167 4.65 -12.96 -4.36
CA SER B 167 4.61 -14.11 -5.25
C SER B 167 5.13 -15.34 -4.53
N VAL B 168 4.74 -16.50 -5.02
CA VAL B 168 5.17 -17.76 -4.45
C VAL B 168 5.67 -18.65 -5.57
N ILE B 169 6.84 -19.25 -5.37
CA ILE B 169 7.42 -20.13 -6.38
C ILE B 169 8.06 -21.35 -5.72
N ALA B 170 8.11 -22.46 -6.46
CA ALA B 170 8.76 -23.65 -5.94
C ALA B 170 10.23 -23.27 -5.86
N ASP B 171 10.89 -23.64 -4.77
CA ASP B 171 12.30 -23.32 -4.59
C ASP B 171 13.13 -24.17 -5.53
N PRO B 172 13.79 -23.55 -6.52
CA PRO B 172 14.62 -24.31 -7.47
C PRO B 172 15.86 -24.94 -6.84
N ARG B 173 16.11 -24.62 -5.58
CA ARG B 173 17.26 -25.16 -4.86
C ARG B 173 16.90 -26.50 -4.22
N GLY B 174 15.62 -26.84 -4.29
CA GLY B 174 15.14 -28.08 -3.73
C GLY B 174 14.94 -28.00 -2.22
N ASN B 175 14.96 -29.16 -1.57
CA ASN B 175 14.78 -29.23 -0.14
C ASN B 175 16.11 -29.02 0.59
N THR B 176 16.42 -27.76 0.89
CA THR B 176 17.66 -27.43 1.57
C THR B 176 17.44 -27.23 3.07
N LEU B 177 16.21 -26.92 3.46
CA LEU B 177 15.91 -26.69 4.87
C LEU B 177 15.63 -27.95 5.67
N GLY B 178 15.21 -29.02 4.98
CA GLY B 178 14.88 -30.25 5.68
C GLY B 178 13.44 -30.12 6.18
N ARG B 179 13.25 -29.11 7.02
CA ARG B 179 11.94 -28.76 7.59
C ARG B 179 12.11 -27.43 8.31
N GLY B 180 11.17 -26.52 8.11
CA GLY B 180 11.29 -25.24 8.78
C GLY B 180 11.12 -24.03 7.90
N THR B 181 11.49 -22.88 8.43
CA THR B 181 11.30 -21.64 7.72
C THR B 181 12.44 -20.66 7.92
N THR B 182 12.82 -20.00 6.83
CA THR B 182 13.85 -18.96 6.90
C THR B 182 13.18 -17.65 6.52
N ILE B 183 13.33 -16.64 7.37
CA ILE B 183 12.81 -15.32 7.04
C ILE B 183 14.06 -14.54 6.65
N THR B 184 14.08 -14.05 5.41
CA THR B 184 15.22 -13.29 4.92
C THR B 184 14.79 -11.85 4.69
N LEU B 185 15.52 -10.91 5.28
CA LEU B 185 15.21 -9.50 5.12
C LEU B 185 16.27 -8.77 4.31
N VAL B 186 15.83 -8.03 3.30
CA VAL B 186 16.72 -7.21 2.49
C VAL B 186 16.60 -5.85 3.18
N LEU B 187 17.54 -5.56 4.05
CA LEU B 187 17.54 -4.33 4.86
C LEU B 187 17.59 -3.00 4.15
N LYS B 188 16.84 -2.04 4.67
CA LYS B 188 16.82 -0.69 4.10
C LYS B 188 18.20 -0.11 4.36
N GLU B 189 18.59 0.88 3.56
CA GLU B 189 19.90 1.50 3.73
C GLU B 189 20.09 2.05 5.15
N GLU B 190 19.02 2.57 5.73
CA GLU B 190 19.09 3.14 7.09
C GLU B 190 19.04 2.10 8.22
N ALA B 191 18.88 0.83 7.88
CA ALA B 191 18.80 -0.23 8.88
C ALA B 191 20.03 -1.14 8.86
N SER B 192 21.12 -0.64 8.26
CA SER B 192 22.35 -1.41 8.16
C SER B 192 22.92 -1.87 9.50
N ASP B 193 22.55 -1.19 10.59
CA ASP B 193 23.06 -1.57 11.90
C ASP B 193 22.65 -2.99 12.28
N TYR B 194 21.52 -3.45 11.74
CA TYR B 194 21.06 -4.79 12.06
C TYR B 194 21.89 -5.88 11.39
N LEU B 195 22.93 -5.46 10.67
CA LEU B 195 23.84 -6.39 10.02
C LEU B 195 25.05 -6.60 10.94
N GLU B 196 25.13 -5.78 11.98
CA GLU B 196 26.22 -5.84 12.95
C GLU B 196 25.97 -6.94 13.99
N LEU B 197 26.95 -7.83 14.16
CA LEU B 197 26.82 -8.93 15.11
C LEU B 197 26.48 -8.52 16.53
N ASP B 198 27.21 -7.55 17.08
CA ASP B 198 26.95 -7.11 18.45
C ASP B 198 25.54 -6.55 18.58
N THR B 199 25.07 -5.86 17.56
CA THR B 199 23.71 -5.31 17.58
C THR B 199 22.72 -6.47 17.63
N ILE B 200 22.94 -7.46 16.77
CA ILE B 200 22.06 -8.62 16.72
C ILE B 200 22.11 -9.43 18.01
N LYS B 201 23.32 -9.73 18.49
CA LYS B 201 23.47 -10.48 19.73
C LYS B 201 22.75 -9.84 20.92
N ASN B 202 22.94 -8.54 21.11
CA ASN B 202 22.27 -7.86 22.22
C ASN B 202 20.76 -7.92 22.10
N LEU B 203 20.25 -7.80 20.88
CA LEU B 203 18.82 -7.87 20.66
C LEU B 203 18.31 -9.30 20.81
N VAL B 204 19.04 -10.25 20.22
CA VAL B 204 18.66 -11.65 20.28
C VAL B 204 18.75 -12.23 21.68
N LYS B 205 19.76 -11.84 22.45
CA LYS B 205 19.90 -12.34 23.81
C LYS B 205 18.84 -11.70 24.69
N LYS B 206 18.34 -10.56 24.24
CA LYS B 206 17.31 -9.84 24.98
C LYS B 206 15.92 -10.36 24.64
N TYR B 207 15.76 -10.88 23.44
CA TYR B 207 14.45 -11.39 22.99
C TYR B 207 14.29 -12.90 23.08
N SER B 208 15.40 -13.63 23.21
CA SER B 208 15.35 -15.08 23.29
C SER B 208 15.46 -15.59 24.72
N GLN B 209 15.81 -14.70 25.64
CA GLN B 209 15.96 -15.07 27.03
C GLN B 209 14.82 -15.93 27.59
N PHE B 210 13.62 -15.75 27.05
CA PHE B 210 12.47 -16.50 27.54
C PHE B 210 11.86 -17.45 26.52
N ILE B 211 12.67 -17.86 25.54
CA ILE B 211 12.21 -18.79 24.52
C ILE B 211 12.65 -20.19 24.93
N ASN B 212 11.73 -21.14 24.91
CA ASN B 212 12.04 -22.51 25.31
C ASN B 212 12.82 -23.31 24.28
N PHE B 213 13.41 -22.61 23.31
CA PHE B 213 14.21 -23.27 22.29
C PHE B 213 15.54 -22.58 22.18
N PRO B 214 16.62 -23.34 21.95
CA PRO B 214 17.94 -22.71 21.83
C PRO B 214 18.03 -21.84 20.59
N ILE B 215 18.52 -20.61 20.76
CA ILE B 215 18.68 -19.68 19.66
C ILE B 215 20.17 -19.39 19.49
N TYR B 216 20.64 -19.44 18.25
CA TYR B 216 22.06 -19.22 17.95
C TYR B 216 22.25 -18.10 16.95
N VAL B 217 23.41 -17.45 17.03
CA VAL B 217 23.78 -16.38 16.11
C VAL B 217 25.13 -16.80 15.50
N TRP B 218 25.22 -16.79 14.18
CA TRP B 218 26.45 -17.16 13.49
C TRP B 218 27.44 -16.01 13.73
N SER B 219 28.42 -16.24 14.58
CA SER B 219 29.39 -15.19 14.90
C SER B 219 30.85 -15.59 14.78
N SER B 220 31.72 -14.60 14.85
CA SER B 220 33.15 -14.80 14.76
C SER B 220 33.85 -14.72 16.11
N LYS B 221 34.97 -15.42 16.23
CA LYS B 221 35.76 -15.44 17.46
C LYS B 221 37.24 -15.37 17.12
N THR B 222 38.05 -14.93 18.09
CA THR B 222 39.49 -14.82 17.88
C THR B 222 40.26 -15.66 18.89
N LYS B 227 43.54 -16.96 14.62
CA LYS B 227 42.85 -16.21 13.56
C LYS B 227 41.39 -15.98 13.93
N THR B 228 40.55 -15.80 12.91
CA THR B 228 39.13 -15.58 13.12
C THR B 228 38.28 -16.72 12.56
N VAL B 229 37.58 -17.41 13.46
CA VAL B 229 36.73 -18.52 13.05
C VAL B 229 35.26 -18.21 13.27
N TRP B 230 34.40 -18.79 12.44
CA TRP B 230 32.95 -18.58 12.54
C TRP B 230 32.22 -19.84 12.97
N ASP B 231 31.24 -19.68 13.85
CA ASP B 231 30.45 -20.80 14.35
C ASP B 231 29.23 -20.32 15.10
N TRP B 232 28.25 -21.20 15.30
CA TRP B 232 27.03 -20.85 16.00
C TRP B 232 27.30 -20.54 17.47
N GLU B 233 26.77 -19.43 17.95
CA GLU B 233 26.95 -19.03 19.34
C GLU B 233 25.59 -19.03 20.03
N LEU B 234 25.48 -19.77 21.14
CA LEU B 234 24.24 -19.86 21.90
C LEU B 234 23.93 -18.54 22.62
N MET B 235 22.71 -18.03 22.42
CA MET B 235 22.30 -16.77 23.02
C MET B 235 21.38 -16.89 24.24
N ASN B 236 20.85 -18.08 24.50
CA ASN B 236 19.94 -18.24 25.62
C ASN B 236 20.11 -19.57 26.35
C52 NEI C . -4.92 7.48 -11.61
C51 NEI C . -4.03 7.40 -12.85
N5' NEI C . -4.92 7.23 -14.01
C5' NEI C . -5.81 8.16 -14.32
O5' NEI C . -5.94 9.22 -13.71
C4' NEI C . -6.71 7.90 -15.53
O4' NEI C . -8.07 7.74 -15.11
C3' NEI C . -6.69 9.10 -16.47
O3' NEI C . -5.56 8.98 -17.35
C2' NEI C . -7.98 8.78 -17.23
O2' NEI C . -7.78 7.60 -18.03
C1' NEI C . -8.90 8.45 -16.05
N9 NEI C . -9.37 9.71 -15.43
C8 NEI C . -8.94 10.32 -14.33
N7 NEI C . -9.67 11.42 -14.11
C5 NEI C . -10.58 11.51 -15.09
C4 NEI C . -10.38 10.43 -15.92
N3 NEI C . -11.14 10.25 -17.01
C2 NEI C . -12.10 11.13 -17.29
I2 NEI C . -13.19 10.83 -19.05
N1 NEI C . -12.34 12.20 -16.50
C6 NEI C . -11.59 12.40 -15.40
N6 NEI C . -11.82 13.47 -14.63
O1 PG4 D . -25.48 14.50 -5.99
C1 PG4 D . -25.46 13.45 -6.97
C2 PG4 D . -24.05 13.31 -7.52
O2 PG4 D . -23.16 12.98 -6.45
C3 PG4 D . -21.86 12.85 -7.02
C4 PG4 D . -20.83 12.49 -5.93
O3 PG4 D . -21.35 11.42 -5.14
C5 PG4 D . -20.35 11.12 -4.17
C6 PG4 D . -20.85 9.98 -3.29
O4 PG4 D . -21.71 10.52 -2.28
C7 PG4 D . -22.15 9.44 -1.47
C8 PG4 D . -23.06 9.98 -0.36
O5 PG4 D . -24.20 10.60 -0.95
O1 PG4 E . -22.46 16.75 -7.71
C1 PG4 E . -21.61 17.55 -6.88
C2 PG4 E . -21.63 17.00 -5.45
O2 PG4 E . -22.80 17.46 -4.77
C3 PG4 E . -22.75 16.91 -3.46
C4 PG4 E . -23.98 17.36 -2.66
O3 PG4 E . -24.00 18.79 -2.56
C5 PG4 E . -25.16 19.14 -1.81
C6 PG4 E . -25.26 20.65 -1.67
O4 PG4 E . -25.17 21.27 -2.96
C7 PG4 E . -25.26 22.67 -2.79
C8 PG4 E . -25.16 23.37 -4.15
O5 PG4 E . -26.04 22.74 -5.08
O1 PG4 F . -12.70 13.25 -15.80
C1 PG4 F . -12.23 13.36 -14.47
C2 PG4 F . -11.64 12.01 -14.05
O2 PG4 F . -10.29 11.97 -14.47
C3 PG4 F . -9.76 10.70 -14.07
C4 PG4 F . -8.32 10.71 -14.53
O3 PG4 F . -7.89 9.45 -15.05
C5 PG4 F . -6.53 9.68 -15.45
C6 PG4 F . -5.90 8.40 -16.00
O4 PG4 F . -6.51 7.96 -17.21
C7 PG4 F . -5.80 6.76 -17.52
C8 PG4 F . -6.37 6.15 -18.79
O5 PG4 F . -5.34 5.81 -19.71
O1 PG4 G . -5.28 11.01 -22.44
C1 PG4 G . -4.86 11.72 -21.27
C2 PG4 G . -4.34 13.11 -21.66
O2 PG4 G . -5.30 13.75 -22.51
C3 PG4 G . -4.77 15.04 -22.85
C4 PG4 G . -5.77 15.75 -23.77
O3 PG4 G . -6.49 14.74 -24.50
C5 PG4 G . -7.42 15.38 -25.35
C6 PG4 G . -8.18 14.31 -26.13
O4 PG4 G . -7.41 13.09 -26.17
C7 PG4 G . -8.18 12.14 -26.91
C8 PG4 G . -7.42 10.82 -26.98
O5 PG4 G . -8.34 9.73 -26.93
O1 PG4 H . -3.12 35.27 -4.56
C1 PG4 H . -3.26 36.69 -4.48
C2 PG4 H . -4.59 37.03 -3.80
O2 PG4 H . -4.53 36.72 -2.41
C3 PG4 H . -5.79 37.08 -1.84
C4 PG4 H . -5.80 36.77 -0.35
O3 PG4 H . -6.18 35.41 -0.14
C5 PG4 H . -6.18 35.17 1.26
C6 PG4 H . -6.58 33.73 1.53
O4 PG4 H . -5.47 32.87 1.29
C7 PG4 H . -5.89 31.54 1.56
C8 PG4 H . -4.71 30.58 1.32
O5 PG4 H . -4.24 30.73 -0.04
C52 NEI I . 1.96 -11.79 8.91
C51 NEI I . 0.77 -12.09 9.81
N5' NEI I . 0.60 -13.55 9.82
C5' NEI I . 1.61 -14.36 10.14
O5' NEI I . 2.72 -13.97 10.47
C4' NEI I . 1.35 -15.86 10.11
O4' NEI I . 2.20 -16.52 9.16
C3' NEI I . 1.69 -16.46 11.48
O3' NEI I . 0.56 -16.30 12.33
C2' NEI I . 1.80 -17.92 11.03
O2' NEI I . 0.50 -18.43 10.71
C1' NEI I . 2.64 -17.74 9.77
N9 NEI I . 4.06 -17.60 10.14
C8 NEI I . 4.79 -16.50 10.30
N7 NEI I . 6.04 -16.85 10.62
C5 NEI I . 6.12 -18.17 10.68
C4 NEI I . 4.84 -18.65 10.37
N3 NEI I . 4.59 -19.97 10.35
C2 NEI I . 5.58 -20.82 10.61
I2 NEI I . 5.05 -22.85 10.68
N1 NEI I . 6.82 -20.41 10.90
C6 NEI I . 7.11 -19.10 10.93
N6 NEI I . 8.35 -18.70 11.21
O1 PG4 J . 17.82 -20.91 1.97
C1 PG4 J . 17.62 -19.67 2.67
C2 PG4 J . 16.55 -18.86 1.95
O2 PG4 J . 17.17 -17.85 1.17
C3 PG4 J . 16.13 -17.12 0.52
C4 PG4 J . 16.73 -16.01 -0.34
O3 PG4 J . 17.43 -16.60 -1.43
C5 PG4 J . 17.97 -15.52 -2.19
C6 PG4 J . 18.72 -16.08 -3.39
O4 PG4 J . 20.08 -16.33 -3.04
C7 PG4 J . 20.71 -16.85 -4.21
C8 PG4 J . 22.19 -17.14 -3.92
O5 PG4 J . 22.89 -17.28 -5.15
O1 PG4 K . 26.54 -20.72 6.84
C1 PG4 K . 27.73 -20.01 6.48
C2 PG4 K . 27.39 -18.82 5.58
O2 PG4 K . 26.12 -19.02 4.94
C3 PG4 K . 25.87 -17.87 4.11
C4 PG4 K . 24.52 -18.04 3.41
O3 PG4 K . 23.49 -18.15 4.38
C5 PG4 K . 22.26 -18.30 3.69
C6 PG4 K . 21.11 -18.42 4.70
O4 PG4 K . 20.96 -19.80 5.06
C7 PG4 K . 19.88 -19.86 6.00
C8 PG4 K . 19.66 -21.31 6.41
O5 PG4 K . 19.05 -22.03 5.34
O1 PG4 L . 8.62 -19.11 11.88
C1 PG4 L . 7.62 -19.53 10.95
C2 PG4 L . 7.20 -18.37 10.05
O2 PG4 L . 6.07 -17.69 10.60
C3 PG4 L . 5.74 -16.60 9.71
C4 PG4 L . 4.55 -15.85 10.28
O3 PG4 L . 3.38 -16.60 10.02
C5 PG4 L . 2.28 -15.90 10.59
C6 PG4 L . 1.03 -16.68 10.25
O4 PG4 L . 0.10 -16.71 11.32
C7 PG4 L . -1.01 -17.49 10.85
C8 PG4 L . -2.04 -17.55 11.97
O5 PG4 L . -3.09 -18.46 11.64
O1 PG4 M . 0.20 -19.42 15.01
C1 PG4 M . -0.59 -19.03 16.13
C2 PG4 M . 0.24 -19.17 17.42
O2 PG4 M . 0.58 -20.53 17.62
C3 PG4 M . 1.35 -20.62 18.82
C4 PG4 M . 1.75 -22.08 19.07
O3 PG4 M . 0.60 -22.91 18.93
C5 PG4 M . 1.03 -24.25 19.16
C6 PG4 M . -0.19 -25.17 19.02
O4 PG4 M . -0.83 -24.91 17.77
C7 PG4 M . -1.95 -25.80 17.69
C8 PG4 M . -2.69 -25.56 16.38
O5 PG4 M . -1.85 -25.92 15.28
OH2 1PE N . 4.39 0.52 3.36
C12 1PE N . 3.14 0.13 3.90
C22 1PE N . 2.67 -1.15 3.22
OH3 1PE N . 1.55 -0.84 2.38
C13 1PE N . -0.05 -1.78 0.83
C23 1PE N . 1.15 -2.06 1.75
OH4 1PE N . 0.14 -0.57 0.13
C14 1PE N . -0.81 0.94 -1.48
C24 1PE N . -1.00 -0.36 -0.71
OH5 1PE N . -0.97 2.04 -0.58
C15 1PE N . -0.96 4.44 -0.40
C25 1PE N . -0.79 3.24 -1.32
OH6 1PE N . 0.06 4.42 0.60
C16 1PE N . 0.92 5.59 2.53
C26 1PE N . -0.16 5.56 1.44
OH7 1PE N . 0.44 4.94 3.71
OH2 1PE O . -11.45 -9.59 -4.73
C12 1PE O . -10.44 -8.73 -5.24
C22 1PE O . -9.27 -8.69 -4.25
OH3 1PE O . -8.57 -9.93 -4.33
C13 1PE O . -6.69 -11.16 -3.43
C23 1PE O . -7.49 -9.85 -3.39
OH4 1PE O . -5.99 -11.28 -4.68
C14 1PE O . -4.47 -12.79 -5.91
C24 1PE O . -5.28 -12.52 -4.62
OH5 1PE O . -4.42 -11.63 -6.77
C15 1PE O . -3.49 -10.91 -8.94
C25 1PE O . -3.64 -12.04 -7.91
OH6 1PE O . -3.90 -9.64 -8.39
C16 1PE O . -4.12 -7.30 -8.97
C26 1PE O . -3.71 -8.69 -9.44
OH7 1PE O . -5.11 -6.77 -9.86
#